data_4MZJ
#
_entry.id   4MZJ
#
_cell.length_a   37.380
_cell.length_b   53.980
_cell.length_c   75.630
_cell.angle_alpha   90.00
_cell.angle_beta   90.00
_cell.angle_gamma   90.00
#
_symmetry.space_group_name_H-M   'P 21 21 21'
#
loop_
_entity.id
_entity.type
_entity.pdbx_description
1 polymer 'Myosin A tail domain interacting protein'
2 polymer Myosin-A
3 water water
#
loop_
_entity_poly.entity_id
_entity_poly.type
_entity_poly.pdbx_seq_one_letter_code
_entity_poly.pdbx_strand_id
1 'polypeptide(L)'
;GSVADIQQLEEKVDESDVRIYFNEKSSGGKISIDNASYNARKLGLAPSSIDEKKIKELYGDNLTYEQYLEYLSICVHDKD
NVEELIKMFAHFDNNCTGYLTKSQMKNILTTWGDALTDQEAIDALNAFSSEDNIDYKLFCEDILQ
;
A
2 'polypeptide(L)' (ACE)KN(NLE)PSL(NLE)RVQAHIRKKMV T
#
# COMPACT_ATOMS: atom_id res chain seq x y z
N ALA A 4 6.82 5.81 -13.35
CA ALA A 4 7.90 5.79 -12.37
C ALA A 4 9.15 6.49 -12.90
N ASP A 5 9.80 7.26 -12.04
CA ASP A 5 11.01 8.01 -12.41
C ASP A 5 11.80 8.38 -11.17
N ILE A 6 13.11 8.12 -11.18
CA ILE A 6 13.96 8.39 -10.03
C ILE A 6 14.06 9.88 -9.71
N GLN A 7 14.18 10.72 -10.74
CA GLN A 7 14.24 12.16 -10.50
C GLN A 7 12.96 12.64 -9.82
N GLN A 8 11.82 12.15 -10.29
CA GLN A 8 10.52 12.51 -9.72
C GLN A 8 10.41 12.04 -8.27
N LEU A 9 10.87 10.82 -8.01
CA LEU A 9 10.93 10.30 -6.66
C LEU A 9 11.67 11.25 -5.72
N GLU A 10 12.85 11.71 -6.17
CA GLU A 10 13.73 12.50 -5.33
C GLU A 10 13.29 13.95 -5.11
N GLU A 11 12.24 14.36 -5.81
CA GLU A 11 11.63 15.66 -5.55
C GLU A 11 10.45 15.49 -4.60
N LYS A 12 9.87 14.30 -4.64
CA LYS A 12 8.70 13.98 -3.81
C LYS A 12 9.09 13.63 -2.38
N VAL A 13 10.13 12.81 -2.24
CA VAL A 13 10.60 12.42 -0.92
C VAL A 13 12.01 12.96 -0.69
N ASP A 14 12.44 12.97 0.57
CA ASP A 14 13.77 13.46 0.96
C ASP A 14 14.77 12.32 0.82
N GLU A 15 15.74 12.48 -0.09
CA GLU A 15 16.76 11.45 -0.29
C GLU A 15 17.55 11.16 0.99
N SER A 16 17.69 12.16 1.85
CA SER A 16 18.34 11.91 3.15
C SER A 16 17.56 10.88 3.97
N ASP A 17 16.22 10.97 3.98
CA ASP A 17 15.41 9.95 4.65
C ASP A 17 15.54 8.61 3.96
N VAL A 18 15.53 8.63 2.63
CA VAL A 18 15.69 7.42 1.85
C VAL A 18 16.96 6.68 2.25
N ARG A 19 18.04 7.44 2.44
CA ARG A 19 19.34 6.88 2.80
C ARG A 19 19.37 6.42 4.24
N ILE A 20 18.87 7.24 5.15
CA ILE A 20 18.86 6.87 6.56
C ILE A 20 18.03 5.60 6.79
N TYR A 21 16.87 5.52 6.14
CA TYR A 21 16.03 4.33 6.29
C TYR A 21 16.72 3.09 5.73
N PHE A 22 17.43 3.24 4.61
CA PHE A 22 18.20 2.13 4.05
C PHE A 22 19.24 1.67 5.06
N ASN A 23 19.97 2.61 5.64
CA ASN A 23 21.01 2.26 6.60
C ASN A 23 20.46 1.57 7.85
N GLU A 24 19.23 1.90 8.22
CA GLU A 24 18.56 1.27 9.34
C GLU A 24 18.35 -0.23 9.13
N LYS A 25 18.15 -0.62 7.88
CA LYS A 25 17.71 -1.98 7.57
C LYS A 25 18.70 -2.80 6.75
N SER A 26 19.75 -2.16 6.25
CA SER A 26 20.68 -2.85 5.35
C SER A 26 21.56 -3.88 6.05
N SER A 27 21.93 -4.91 5.29
CA SER A 27 22.90 -5.92 5.74
C SER A 27 23.82 -6.21 4.57
N GLY A 28 25.12 -6.13 4.80
CA GLY A 28 26.09 -6.36 3.75
C GLY A 28 25.91 -5.40 2.57
N GLY A 29 25.38 -4.22 2.86
CA GLY A 29 25.21 -3.20 1.83
C GLY A 29 23.98 -3.40 0.96
N LYS A 30 23.11 -4.31 1.39
CA LYS A 30 21.87 -4.56 0.66
C LYS A 30 20.68 -4.58 1.59
N ILE A 31 19.49 -4.38 1.04
CA ILE A 31 18.27 -4.40 1.83
C ILE A 31 17.29 -5.44 1.28
N SER A 32 16.59 -6.13 2.17
CA SER A 32 15.56 -7.09 1.74
C SER A 32 14.36 -6.37 1.11
N ILE A 33 13.63 -7.08 0.25
CA ILE A 33 12.41 -6.50 -0.33
C ILE A 33 11.43 -6.09 0.78
N ASP A 34 11.27 -6.93 1.79
CA ASP A 34 10.32 -6.61 2.86
C ASP A 34 10.71 -5.33 3.59
N ASN A 35 12.01 -5.16 3.85
CA ASN A 35 12.45 -3.95 4.51
C ASN A 35 12.41 -2.75 3.58
N ALA A 36 12.61 -3.00 2.29
CA ALA A 36 12.45 -1.93 1.30
C ALA A 36 11.00 -1.44 1.26
N SER A 37 10.05 -2.37 1.34
CA SER A 37 8.64 -1.99 1.36
C SER A 37 8.28 -1.26 2.64
N TYR A 38 8.83 -1.73 3.77
CA TYR A 38 8.68 -1.01 5.03
C TYR A 38 9.16 0.44 4.89
N ASN A 39 10.36 0.62 4.34
CA ASN A 39 10.89 1.95 4.14
C ASN A 39 10.02 2.81 3.21
N ALA A 40 9.52 2.20 2.15
CA ALA A 40 8.65 2.89 1.22
C ALA A 40 7.44 3.43 1.97
N ARG A 41 6.87 2.58 2.83
CA ARG A 41 5.71 2.98 3.62
C ARG A 41 6.04 4.11 4.59
N LYS A 42 7.21 4.05 5.22
CA LYS A 42 7.62 5.15 6.11
C LYS A 42 7.77 6.46 5.35
N LEU A 43 8.11 6.36 4.06
CA LEU A 43 8.23 7.52 3.20
C LEU A 43 6.88 7.98 2.67
N GLY A 44 5.80 7.28 3.01
CA GLY A 44 4.48 7.69 2.58
C GLY A 44 4.05 7.10 1.24
N LEU A 45 4.77 6.08 0.79
CA LEU A 45 4.44 5.40 -0.48
C LEU A 45 3.71 4.10 -0.19
N ALA A 46 3.04 3.57 -1.20
CA ALA A 46 2.18 2.39 -1.03
C ALA A 46 2.45 1.31 -2.05
N PRO A 47 3.51 0.51 -1.83
CA PRO A 47 3.80 -0.59 -2.75
C PRO A 47 2.75 -1.68 -2.71
N SER A 48 2.50 -2.31 -3.86
CA SER A 48 1.65 -3.48 -3.95
C SER A 48 2.54 -4.69 -4.17
N SER A 49 1.93 -5.87 -4.21
CA SER A 49 2.68 -7.09 -4.46
CA SER A 49 2.68 -7.09 -4.45
C SER A 49 3.26 -7.09 -5.86
N ILE A 50 2.58 -6.44 -6.79
CA ILE A 50 3.08 -6.38 -8.16
C ILE A 50 4.38 -5.59 -8.20
N ASP A 51 4.46 -4.51 -7.43
CA ASP A 51 5.69 -3.72 -7.33
C ASP A 51 6.82 -4.58 -6.77
N GLU A 52 6.54 -5.29 -5.68
CA GLU A 52 7.55 -6.13 -5.04
C GLU A 52 8.04 -7.20 -5.99
N LYS A 53 7.11 -7.81 -6.72
CA LYS A 53 7.49 -8.88 -7.63
C LYS A 53 8.31 -8.36 -8.81
N LYS A 54 8.00 -7.16 -9.29
CA LYS A 54 8.75 -6.53 -10.37
C LYS A 54 10.22 -6.41 -10.00
N ILE A 55 10.48 -5.86 -8.83
CA ILE A 55 11.85 -5.58 -8.42
C ILE A 55 12.56 -6.88 -8.06
N LYS A 56 11.84 -7.83 -7.46
CA LYS A 56 12.43 -9.11 -7.08
CA LYS A 56 12.44 -9.10 -7.09
C LYS A 56 12.84 -9.89 -8.32
N GLU A 57 12.03 -9.81 -9.37
CA GLU A 57 12.33 -10.57 -10.56
CA GLU A 57 12.29 -10.52 -10.61
C GLU A 57 13.51 -9.98 -11.35
N LEU A 58 13.73 -8.67 -11.20
CA LEU A 58 14.92 -8.05 -11.81
C LEU A 58 16.18 -8.33 -10.98
N TYR A 59 16.09 -8.18 -9.67
CA TYR A 59 17.28 -8.07 -8.83
C TYR A 59 17.39 -9.07 -7.68
N GLY A 60 16.37 -9.89 -7.49
CA GLY A 60 16.38 -10.85 -6.41
C GLY A 60 15.87 -10.29 -5.09
N ASP A 61 16.15 -11.02 -4.01
CA ASP A 61 15.57 -10.75 -2.70
C ASP A 61 16.23 -9.60 -1.96
N ASN A 62 17.47 -9.30 -2.33
CA ASN A 62 18.22 -8.26 -1.66
C ASN A 62 18.74 -7.23 -2.65
N LEU A 63 18.43 -5.97 -2.35
CA LEU A 63 18.65 -4.87 -3.28
C LEU A 63 19.85 -4.03 -2.85
N THR A 64 20.70 -3.66 -3.81
CA THR A 64 21.69 -2.62 -3.56
C THR A 64 20.98 -1.29 -3.36
N TYR A 65 21.73 -0.26 -2.97
CA TYR A 65 21.11 1.03 -2.74
C TYR A 65 20.41 1.54 -3.99
N GLU A 66 21.08 1.44 -5.13
CA GLU A 66 20.48 1.93 -6.37
C GLU A 66 19.26 1.12 -6.77
N GLN A 67 19.30 -0.18 -6.55
CA GLN A 67 18.15 -1.01 -6.86
C GLN A 67 16.95 -0.67 -5.97
N TYR A 68 17.25 -0.34 -4.72
CA TYR A 68 16.26 0.14 -3.77
C TYR A 68 15.66 1.47 -4.21
N LEU A 69 16.48 2.39 -4.70
CA LEU A 69 15.96 3.63 -5.29
C LEU A 69 15.01 3.34 -6.45
N GLU A 70 15.41 2.42 -7.33
CA GLU A 70 14.56 2.05 -8.45
C GLU A 70 13.22 1.48 -7.95
N TYR A 71 13.29 0.63 -6.93
CA TYR A 71 12.09 0.05 -6.35
C TYR A 71 11.19 1.12 -5.76
N LEU A 72 11.81 2.14 -5.16
CA LEU A 72 11.07 3.24 -4.56
C LEU A 72 10.33 4.03 -5.63
N SER A 73 10.97 4.22 -6.77
CA SER A 73 10.36 4.95 -7.89
C SER A 73 9.09 4.25 -8.41
N ILE A 74 9.09 2.92 -8.36
CA ILE A 74 7.94 2.10 -8.75
C ILE A 74 6.79 2.26 -7.75
N CYS A 75 7.13 2.59 -6.52
CA CYS A 75 6.13 2.70 -5.44
C CYS A 75 5.35 4.01 -5.39
N VAL A 76 5.74 5.01 -6.18
CA VAL A 76 5.14 6.34 -6.08
C VAL A 76 3.63 6.38 -6.43
N HIS A 77 3.28 5.75 -7.54
CA HIS A 77 1.89 5.63 -8.00
C HIS A 77 1.12 6.94 -8.12
N ASP A 78 1.66 7.86 -8.91
CA ASP A 78 1.05 9.18 -9.10
C ASP A 78 -0.36 9.14 -9.68
N LYS A 79 -0.76 8.03 -10.29
CA LYS A 79 -2.08 7.93 -10.88
C LYS A 79 -3.16 7.48 -9.88
N ASP A 80 -2.76 7.19 -8.65
CA ASP A 80 -3.71 6.82 -7.60
C ASP A 80 -4.81 7.85 -7.51
N ASN A 81 -6.04 7.34 -7.44
CA ASN A 81 -7.23 8.14 -7.61
C ASN A 81 -8.30 7.65 -6.63
N VAL A 82 -8.77 8.54 -5.76
CA VAL A 82 -9.69 8.15 -4.70
C VAL A 82 -11.01 7.63 -5.26
N GLU A 83 -11.43 8.18 -6.39
CA GLU A 83 -12.69 7.75 -7.01
CA GLU A 83 -12.67 7.78 -7.03
C GLU A 83 -12.65 6.31 -7.42
N GLU A 84 -11.52 5.84 -7.93
CA GLU A 84 -11.38 4.45 -8.34
C GLU A 84 -11.49 3.54 -7.13
N LEU A 85 -10.93 3.97 -6.01
CA LEU A 85 -10.98 3.17 -4.80
C LEU A 85 -12.41 3.08 -4.28
N ILE A 86 -13.09 4.22 -4.27
CA ILE A 86 -14.48 4.27 -3.84
C ILE A 86 -15.38 3.38 -4.71
N LYS A 87 -15.19 3.46 -6.02
CA LYS A 87 -16.01 2.66 -6.95
C LYS A 87 -15.79 1.17 -6.80
N MET A 88 -14.57 0.79 -6.42
CA MET A 88 -14.29 -0.62 -6.12
C MET A 88 -15.18 -1.11 -4.96
N PHE A 89 -15.22 -0.35 -3.86
CA PHE A 89 -16.11 -0.68 -2.75
C PHE A 89 -17.58 -0.56 -3.12
N ALA A 90 -17.91 0.43 -3.95
CA ALA A 90 -19.32 0.66 -4.33
C ALA A 90 -19.88 -0.58 -5.02
N HIS A 91 -19.01 -1.30 -5.72
CA HIS A 91 -19.38 -2.54 -6.37
C HIS A 91 -19.99 -3.56 -5.41
N PHE A 92 -19.47 -3.60 -4.19
CA PHE A 92 -19.94 -4.55 -3.19
C PHE A 92 -21.13 -4.03 -2.40
N ASP A 93 -21.47 -2.78 -2.63
CA ASP A 93 -22.51 -2.11 -1.86
C ASP A 93 -23.84 -2.39 -2.53
N ASN A 94 -24.40 -3.55 -2.19
CA ASN A 94 -25.55 -4.11 -2.88
C ASN A 94 -26.83 -3.28 -2.78
N ASN A 95 -26.94 -2.47 -1.74
CA ASN A 95 -28.14 -1.66 -1.54
C ASN A 95 -27.89 -0.17 -1.77
N CYS A 96 -26.70 0.15 -2.25
CA CYS A 96 -26.32 1.53 -2.55
C CYS A 96 -26.52 2.48 -1.36
N THR A 97 -26.11 2.02 -0.19
CA THR A 97 -26.31 2.79 1.04
C THR A 97 -25.14 3.71 1.37
N GLY A 98 -23.98 3.41 0.80
CA GLY A 98 -22.76 4.14 1.13
C GLY A 98 -22.03 3.50 2.28
N TYR A 99 -22.58 2.43 2.84
CA TYR A 99 -21.96 1.74 3.97
C TYR A 99 -21.70 0.28 3.70
N LEU A 100 -20.61 -0.21 4.29
CA LEU A 100 -20.34 -1.64 4.39
C LEU A 100 -19.99 -1.88 5.85
N THR A 101 -20.41 -3.03 6.38
CA THR A 101 -20.09 -3.34 7.76
C THR A 101 -18.63 -3.75 7.87
N LYS A 102 -18.12 -3.77 9.09
CA LYS A 102 -16.73 -4.18 9.29
C LYS A 102 -16.50 -5.60 8.80
N SER A 103 -17.50 -6.46 8.99
CA SER A 103 -17.38 -7.83 8.55
C SER A 103 -17.33 -7.90 7.02
N GLN A 104 -18.17 -7.11 6.35
CA GLN A 104 -18.16 -7.07 4.89
C GLN A 104 -16.82 -6.57 4.36
N MET A 105 -16.33 -5.49 4.96
CA MET A 105 -15.06 -4.95 4.50
CA MET A 105 -15.05 -4.89 4.57
C MET A 105 -13.90 -5.88 4.79
N LYS A 106 -13.95 -6.55 5.93
CA LYS A 106 -12.94 -7.58 6.26
C LYS A 106 -12.96 -8.66 5.19
N ASN A 107 -14.15 -9.14 4.83
CA ASN A 107 -14.22 -10.18 3.80
C ASN A 107 -13.62 -9.71 2.48
N ILE A 108 -13.95 -8.50 2.06
CA ILE A 108 -13.40 -7.98 0.81
C ILE A 108 -11.87 -7.92 0.87
N LEU A 109 -11.36 -7.35 1.95
CA LEU A 109 -9.94 -7.06 2.08
C LEU A 109 -9.07 -8.30 2.26
N THR A 110 -9.67 -9.39 2.74
CA THR A 110 -8.94 -10.63 3.02
C THR A 110 -9.16 -11.73 1.99
N THR A 111 -10.01 -11.48 1.00
CA THR A 111 -10.39 -12.54 0.07
C THR A 111 -9.79 -12.39 -1.32
N TRP A 112 -9.74 -11.16 -1.81
CA TRP A 112 -9.24 -10.90 -3.15
C TRP A 112 -8.02 -10.00 -3.10
N GLY A 113 -7.36 -9.83 -4.24
CA GLY A 113 -6.26 -8.90 -4.35
C GLY A 113 -5.04 -9.33 -3.57
N ASP A 114 -4.35 -8.35 -2.98
CA ASP A 114 -3.18 -8.63 -2.15
C ASP A 114 -3.66 -8.77 -0.73
N ALA A 115 -4.32 -9.90 -0.46
CA ALA A 115 -5.14 -10.09 0.72
C ALA A 115 -4.43 -9.76 2.02
N LEU A 116 -5.11 -8.98 2.86
CA LEU A 116 -4.64 -8.75 4.22
C LEU A 116 -4.94 -10.00 5.04
N THR A 117 -4.21 -10.17 6.14
CA THR A 117 -4.58 -11.21 7.10
C THR A 117 -5.86 -10.75 7.78
N ASP A 118 -6.56 -11.68 8.43
CA ASP A 118 -7.77 -11.32 9.15
C ASP A 118 -7.47 -10.24 10.19
N GLN A 119 -6.40 -10.43 10.95
CA GLN A 119 -6.02 -9.49 12.00
C GLN A 119 -5.68 -8.11 11.46
N GLU A 120 -4.94 -8.07 10.35
CA GLU A 120 -4.59 -6.80 9.71
C GLU A 120 -5.85 -6.02 9.33
N ALA A 121 -6.81 -6.71 8.73
CA ALA A 121 -8.02 -6.03 8.25
C ALA A 121 -8.84 -5.56 9.44
N ILE A 122 -9.00 -6.44 10.44
CA ILE A 122 -9.77 -6.10 11.63
C ILE A 122 -9.17 -4.85 12.29
N ASP A 123 -7.85 -4.85 12.45
CA ASP A 123 -7.21 -3.77 13.17
C ASP A 123 -7.32 -2.46 12.41
N ALA A 124 -7.18 -2.51 11.09
CA ALA A 124 -7.28 -1.32 10.28
C ALA A 124 -8.68 -0.71 10.36
N LEU A 125 -9.69 -1.57 10.32
CA LEU A 125 -11.07 -1.09 10.36
C LEU A 125 -11.42 -0.51 11.74
N ASN A 126 -10.98 -1.17 12.81
CA ASN A 126 -11.20 -0.66 14.16
C ASN A 126 -10.44 0.64 14.42
N ALA A 127 -9.29 0.80 13.76
CA ALA A 127 -8.49 2.00 13.92
C ALA A 127 -9.19 3.17 13.24
N PHE A 128 -9.85 2.88 12.13
CA PHE A 128 -10.57 3.90 11.39
C PHE A 128 -11.86 4.33 12.07
N SER A 129 -12.61 3.37 12.61
CA SER A 129 -13.95 3.67 13.10
C SER A 129 -14.32 2.88 14.35
N SER A 130 -14.88 3.57 15.34
CA SER A 130 -15.44 2.89 16.50
C SER A 130 -16.76 2.20 16.14
N GLU A 131 -17.47 2.76 15.16
CA GLU A 131 -18.77 2.22 14.76
C GLU A 131 -18.63 1.08 13.74
N ASP A 132 -19.60 0.16 13.73
CA ASP A 132 -19.51 -1.04 12.89
C ASP A 132 -19.82 -0.76 11.42
N ASN A 133 -20.71 0.17 11.15
CA ASN A 133 -21.01 0.56 9.78
C ASN A 133 -19.96 1.54 9.26
N ILE A 134 -19.28 1.16 8.18
CA ILE A 134 -18.20 1.98 7.64
C ILE A 134 -18.64 2.74 6.39
N ASP A 135 -18.53 4.06 6.43
CA ASP A 135 -18.71 4.88 5.23
C ASP A 135 -17.45 4.66 4.40
N TYR A 136 -17.56 3.88 3.34
CA TYR A 136 -16.35 3.49 2.60
C TYR A 136 -15.72 4.64 1.82
N LYS A 137 -16.52 5.64 1.48
CA LYS A 137 -15.96 6.84 0.87
C LYS A 137 -15.02 7.52 1.85
N LEU A 138 -15.46 7.69 3.10
CA LEU A 138 -14.60 8.31 4.11
C LEU A 138 -13.38 7.43 4.37
N PHE A 139 -13.55 6.12 4.30
CA PHE A 139 -12.43 5.22 4.55
C PHE A 139 -11.37 5.39 3.47
N CYS A 140 -11.78 5.42 2.20
CA CYS A 140 -10.82 5.60 1.11
C CYS A 140 -10.11 6.95 1.19
N GLU A 141 -10.84 7.99 1.55
CA GLU A 141 -10.22 9.30 1.71
C GLU A 141 -9.20 9.29 2.84
N ASP A 142 -9.48 8.53 3.90
CA ASP A 142 -8.58 8.45 5.04
C ASP A 142 -7.28 7.70 4.71
N ILE A 143 -7.38 6.57 4.03
CA ILE A 143 -6.18 5.76 3.76
C ILE A 143 -5.24 6.43 2.75
N LEU A 144 -5.76 7.31 1.91
CA LEU A 144 -4.93 7.99 0.93
C LEU A 144 -4.05 9.08 1.52
N GLN A 145 -4.35 9.48 2.75
CA GLN A 145 -3.60 10.54 3.40
C GLN A 145 -2.34 10.04 4.11
N LYS B 2 -13.99 -7.77 -8.28
CA LYS B 2 -14.34 -7.28 -9.60
C LYS B 2 -13.29 -6.30 -10.13
N ASN B 3 -12.95 -5.31 -9.32
CA ASN B 3 -11.96 -4.31 -9.70
C ASN B 3 -10.66 -4.46 -8.92
N PRO B 5 -7.23 -4.44 -9.56
CA PRO B 5 -6.12 -3.49 -9.36
C PRO B 5 -6.46 -2.40 -8.35
N SER B 6 -7.71 -1.93 -8.34
CA SER B 6 -8.10 -0.90 -7.38
C SER B 6 -8.12 -1.45 -5.96
N LEU B 7 -8.55 -2.68 -5.80
CA LEU B 7 -8.51 -3.30 -4.48
C LEU B 7 -7.08 -3.40 -3.98
N ARG B 9 -4.69 -1.37 -4.72
CA ARG B 9 -4.27 -0.05 -4.27
C ARG B 9 -4.84 0.25 -2.88
N VAL B 10 -6.09 -0.14 -2.62
CA VAL B 10 -6.66 0.02 -1.28
C VAL B 10 -5.81 -0.71 -0.24
N GLN B 11 -5.50 -1.98 -0.52
CA GLN B 11 -4.72 -2.77 0.41
C GLN B 11 -3.33 -2.17 0.60
N ALA B 12 -2.75 -1.65 -0.47
CA ALA B 12 -1.43 -1.04 -0.38
C ALA B 12 -1.46 0.16 0.56
N HIS B 13 -2.47 1.01 0.43
CA HIS B 13 -2.55 2.17 1.31
C HIS B 13 -2.86 1.80 2.75
N ILE B 14 -3.61 0.72 2.95
CA ILE B 14 -3.83 0.24 4.31
C ILE B 14 -2.51 -0.19 4.93
N ARG B 15 -1.70 -0.94 4.20
CA ARG B 15 -0.40 -1.36 4.71
C ARG B 15 0.51 -0.16 5.00
N LYS B 16 0.41 0.87 4.16
CA LYS B 16 1.14 2.11 4.39
C LYS B 16 0.68 2.77 5.70
N LYS B 17 -0.63 2.89 5.90
CA LYS B 17 -1.17 3.50 7.11
C LYS B 17 -0.71 2.75 8.35
N MET B 18 -0.70 1.43 8.26
CA MET B 18 -0.27 0.56 9.36
C MET B 18 1.12 0.86 9.86
N VAL B 19 1.99 1.28 8.95
CA VAL B 19 3.39 1.56 9.27
C VAL B 19 3.56 2.97 9.83
#